data_3OA4
#
_entry.id   3OA4
#
_cell.length_a   63.264
_cell.length_b   63.264
_cell.length_c   90.855
_cell.angle_alpha   90.000
_cell.angle_beta   90.000
_cell.angle_gamma   90.000
#
_symmetry.space_group_name_H-M   'P 43 21 2'
#
loop_
_entity.id
_entity.type
_entity.pdbx_description
1 polymer glyoxalase
2 non-polymer 'ZINC ION'
3 non-polymer 'SULFATE ION'
4 non-polymer GLYCEROL
5 water water
#
_entity_poly.entity_id   1
_entity_poly.type   'polypeptide(L)'
_entity_poly.pdbx_seq_one_letter_code
;VMAEKSNKLDHIGIAVTSIKDVLPFYVGSLKLKLLGMEDLPSQGVKIAFLEIGESKIELLEPLSEESPIAKFIQKRGEGI
HHIAIGVKSIEERIQEVKENGVQMINDEPVPGARGAQVAFLHPRSARGVLYEFCEKKEQAENLYFQSHHHHHHWSHPQFE
K
;
_entity_poly.pdbx_strand_id   A
#
loop_
_chem_comp.id
_chem_comp.type
_chem_comp.name
_chem_comp.formula
GOL non-polymer GLYCEROL 'C3 H8 O3'
SO4 non-polymer 'SULFATE ION' 'O4 S -2'
ZN non-polymer 'ZINC ION' 'Zn 2'
#
# COMPACT_ATOMS: atom_id res chain seq x y z
N LYS A 5 -12.00 8.17 13.94
CA LYS A 5 -10.86 8.93 14.54
C LYS A 5 -9.68 8.01 14.84
N SER A 6 -8.48 8.61 14.94
CA SER A 6 -7.19 7.92 15.06
C SER A 6 -6.72 7.35 13.72
N ASN A 7 -7.62 7.39 12.72
CA ASN A 7 -7.27 7.13 11.32
C ASN A 7 -6.08 8.00 10.93
N LYS A 8 -5.11 7.37 10.28
CA LYS A 8 -3.98 8.09 9.73
C LYS A 8 -3.85 7.74 8.26
N LEU A 9 -3.28 8.64 7.48
CA LEU A 9 -2.91 8.27 6.12
C LEU A 9 -1.53 7.60 6.18
N ASP A 10 -1.51 6.27 6.12
CA ASP A 10 -0.24 5.56 6.24
C ASP A 10 0.61 5.72 4.99
N HIS A 11 0.03 5.36 3.84
CA HIS A 11 0.78 5.48 2.59
C HIS A 11 -0.12 5.51 1.40
N ILE A 12 0.48 5.82 0.24
CA ILE A 12 -0.19 5.69 -1.07
C ILE A 12 0.65 4.73 -1.90
N GLY A 13 0.04 3.63 -2.33
CA GLY A 13 0.75 2.67 -3.17
C GLY A 13 0.65 3.10 -4.65
N ILE A 14 1.79 3.02 -5.34
CA ILE A 14 1.89 3.52 -6.72
C ILE A 14 2.54 2.44 -7.58
N ALA A 15 1.83 1.99 -8.62
CA ALA A 15 2.35 0.94 -9.47
C ALA A 15 3.33 1.52 -10.51
N VAL A 16 4.54 0.94 -10.61
CA VAL A 16 5.56 1.41 -11.55
C VAL A 16 6.20 0.17 -12.17
N THR A 17 6.65 0.28 -13.42
CA THR A 17 7.33 -0.87 -14.03
C THR A 17 8.75 -1.04 -13.52
N SER A 18 9.32 0.04 -13.00
CA SER A 18 10.70 0.02 -12.51
C SER A 18 10.88 1.10 -11.45
N ILE A 19 11.24 0.68 -10.23
CA ILE A 19 11.60 1.65 -9.19
C ILE A 19 12.80 2.48 -9.64
N LYS A 20 13.79 1.82 -10.20
CA LYS A 20 15.03 2.50 -10.62
C LYS A 20 14.73 3.65 -11.59
N ASP A 21 13.76 3.43 -12.48
CA ASP A 21 13.46 4.41 -13.53
C ASP A 21 12.68 5.62 -13.03
N VAL A 22 12.04 5.52 -11.87
CA VAL A 22 11.29 6.65 -11.34
C VAL A 22 11.97 7.36 -10.18
N LEU A 23 12.97 6.73 -9.56
CA LEU A 23 13.69 7.38 -8.48
C LEU A 23 14.26 8.76 -8.87
N PRO A 24 14.74 8.93 -10.13
CA PRO A 24 15.19 10.27 -10.48
C PRO A 24 14.12 11.32 -10.33
N PHE A 25 12.87 10.99 -10.64
CA PHE A 25 11.77 11.93 -10.45
C PHE A 25 11.45 12.16 -8.95
N TYR A 26 11.27 11.05 -8.22
CA TYR A 26 10.84 11.15 -6.83
C TYR A 26 11.90 11.75 -5.92
N VAL A 27 13.13 11.29 -6.07
CA VAL A 27 14.21 11.80 -5.23
C VAL A 27 14.82 13.08 -5.79
N GLY A 28 15.06 13.12 -7.09
CA GLY A 28 15.68 14.29 -7.72
C GLY A 28 14.73 15.46 -7.91
N SER A 29 13.53 15.22 -8.42
CA SER A 29 12.64 16.35 -8.69
C SER A 29 11.74 16.73 -7.53
N LEU A 30 11.04 15.74 -6.97
CA LEU A 30 10.16 15.99 -5.83
C LEU A 30 10.92 16.14 -4.51
N LYS A 31 12.17 15.70 -4.47
CA LYS A 31 13.01 15.82 -3.27
C LYS A 31 12.41 15.08 -2.08
N LEU A 32 11.88 13.89 -2.34
CA LEU A 32 11.45 13.06 -1.25
C LEU A 32 12.65 12.20 -0.79
N LYS A 33 12.67 11.88 0.50
CA LYS A 33 13.72 11.03 1.06
C LYS A 33 13.38 9.55 0.84
N LEU A 34 14.27 8.81 0.18
CA LEU A 34 14.14 7.35 0.06
C LEU A 34 14.53 6.68 1.38
N LEU A 35 13.56 6.06 2.02
CA LEU A 35 13.75 5.43 3.33
C LEU A 35 14.46 4.08 3.20
N GLY A 36 14.10 3.34 2.15
CA GLY A 36 14.66 2.00 1.95
C GLY A 36 13.75 1.23 1.03
N MET A 37 14.02 -0.05 0.91
CA MET A 37 13.27 -0.88 -0.03
C MET A 37 13.02 -2.23 0.60
N GLU A 38 12.10 -3.00 0.03
CA GLU A 38 11.95 -4.40 0.40
C GLU A 38 11.40 -5.28 -0.72
N ASP A 39 11.76 -6.56 -0.69
CA ASP A 39 11.20 -7.52 -1.61
C ASP A 39 10.08 -8.25 -0.88
N LEU A 40 8.97 -8.40 -1.58
CA LEU A 40 7.83 -9.11 -1.03
C LEU A 40 7.41 -10.18 -2.05
N PRO A 41 8.29 -11.19 -2.29
CA PRO A 41 8.01 -12.19 -3.33
C PRO A 41 6.68 -12.93 -3.16
N SER A 42 6.11 -12.87 -1.95
CA SER A 42 4.82 -13.52 -1.68
C SER A 42 3.67 -12.75 -2.32
N GLN A 43 3.82 -11.43 -2.44
CA GLN A 43 2.87 -10.63 -3.19
C GLN A 43 3.38 -10.26 -4.58
N GLY A 44 4.46 -10.92 -4.99
CA GLY A 44 5.14 -10.67 -6.26
C GLY A 44 5.56 -9.22 -6.52
N VAL A 45 6.01 -8.51 -5.47
CA VAL A 45 6.42 -7.09 -5.60
C VAL A 45 7.74 -6.76 -4.92
N LYS A 46 8.45 -5.79 -5.50
CA LYS A 46 9.55 -5.08 -4.85
C LYS A 46 8.99 -3.71 -4.50
N ILE A 47 9.33 -3.20 -3.31
CA ILE A 47 8.73 -1.93 -2.85
C ILE A 47 9.80 -0.91 -2.44
N ALA A 48 9.61 0.35 -2.80
CA ALA A 48 10.48 1.42 -2.31
C ALA A 48 9.65 2.38 -1.51
N PHE A 49 10.18 2.80 -0.38
CA PHE A 49 9.41 3.68 0.53
C PHE A 49 10.00 5.06 0.49
N LEU A 50 9.15 6.05 0.16
CA LEU A 50 9.56 7.46 0.17
C LEU A 50 8.77 8.22 1.25
N GLU A 51 9.46 9.02 2.02
CA GLU A 51 8.84 9.78 3.09
C GLU A 51 8.17 11.04 2.53
N ILE A 52 6.92 11.26 2.91
CA ILE A 52 6.26 12.53 2.61
C ILE A 52 5.45 12.96 3.83
N GLY A 53 6.05 13.86 4.61
CA GLY A 53 5.48 14.25 5.90
C GLY A 53 5.41 13.04 6.80
N GLU A 54 4.24 12.81 7.39
CA GLU A 54 3.99 11.64 8.22
C GLU A 54 3.49 10.43 7.45
N SER A 55 3.36 10.58 6.13
CA SER A 55 2.96 9.47 5.29
C SER A 55 4.14 8.98 4.46
N LYS A 56 3.87 7.98 3.65
CA LYS A 56 4.84 7.48 2.70
C LYS A 56 4.21 7.32 1.34
N ILE A 57 5.06 7.41 0.33
CA ILE A 57 4.72 6.90 -0.99
C ILE A 57 5.42 5.55 -1.16
N GLU A 58 4.64 4.56 -1.54
CA GLU A 58 5.07 3.18 -1.69
CA GLU A 58 5.19 3.23 -1.73
C GLU A 58 5.11 2.87 -3.19
N LEU A 59 6.29 2.74 -3.77
CA LEU A 59 6.41 2.39 -5.17
C LEU A 59 6.46 0.88 -5.32
N LEU A 60 5.52 0.36 -6.11
CA LEU A 60 5.35 -1.08 -6.24
C LEU A 60 5.78 -1.54 -7.64
N GLU A 61 6.83 -2.35 -7.67
CA GLU A 61 7.40 -2.87 -8.93
C GLU A 61 7.11 -4.39 -9.00
N PRO A 62 6.50 -4.87 -10.11
CA PRO A 62 6.19 -6.31 -10.17
C PRO A 62 7.45 -7.14 -10.30
N LEU A 63 7.46 -8.31 -9.65
CA LEU A 63 8.63 -9.20 -9.73
C LEU A 63 8.51 -10.20 -10.89
N SER A 64 7.27 -10.47 -11.32
CA SER A 64 7.02 -11.36 -12.44
C SER A 64 5.74 -10.95 -13.14
N GLU A 65 5.50 -11.53 -14.31
CA GLU A 65 4.30 -11.24 -15.12
C GLU A 65 3.01 -11.65 -14.43
N GLU A 66 3.12 -12.62 -13.51
CA GLU A 66 1.95 -13.10 -12.76
C GLU A 66 1.59 -12.27 -11.51
N SER A 67 2.45 -11.30 -11.15
CA SER A 67 2.20 -10.36 -10.04
C SER A 67 0.87 -9.62 -10.24
N PRO A 68 0.09 -9.45 -9.15
CA PRO A 68 -1.11 -8.62 -9.27
C PRO A 68 -0.78 -7.22 -9.78
N ILE A 69 0.41 -6.72 -9.46
CA ILE A 69 0.85 -5.40 -9.93
C ILE A 69 1.13 -5.40 -11.43
N ALA A 70 1.80 -6.45 -11.92
CA ALA A 70 1.97 -6.63 -13.37
C ALA A 70 0.61 -6.67 -14.07
N LYS A 71 -0.36 -7.38 -13.51
CA LYS A 71 -1.71 -7.44 -14.11
C LYS A 71 -2.40 -6.08 -14.11
N PHE A 72 -2.27 -5.34 -13.01
CA PHE A 72 -2.79 -3.99 -12.91
C PHE A 72 -2.17 -3.08 -13.97
N ILE A 73 -0.84 -3.13 -14.12
CA ILE A 73 -0.16 -2.28 -15.08
C ILE A 73 -0.62 -2.64 -16.49
N GLN A 74 -0.77 -3.93 -16.75
CA GLN A 74 -1.25 -4.39 -18.06
C GLN A 74 -2.67 -3.88 -18.40
N LYS A 75 -3.57 -3.89 -17.42
CA LYS A 75 -4.97 -3.53 -17.65
C LYS A 75 -5.22 -2.01 -17.51
N ARG A 76 -4.51 -1.36 -16.59
CA ARG A 76 -4.77 0.05 -16.29
C ARG A 76 -3.59 0.99 -16.55
N GLY A 77 -2.40 0.42 -16.72
CA GLY A 77 -1.19 1.23 -16.83
C GLY A 77 -0.62 1.62 -15.47
N GLU A 78 0.57 2.20 -15.49
CA GLU A 78 1.22 2.67 -14.26
C GLU A 78 0.43 3.83 -13.71
N GLY A 79 0.45 3.97 -12.39
CA GLY A 79 -0.25 5.07 -11.73
C GLY A 79 -0.64 4.66 -10.32
N ILE A 80 -1.52 5.44 -9.71
CA ILE A 80 -1.84 5.21 -8.31
C ILE A 80 -2.63 3.90 -8.14
N HIS A 81 -2.21 3.05 -7.19
CA HIS A 81 -2.80 1.72 -7.00
C HIS A 81 -3.79 1.69 -5.82
N HIS A 82 -3.39 2.25 -4.67
CA HIS A 82 -4.24 2.16 -3.43
C HIS A 82 -3.86 3.21 -2.40
N ILE A 83 -4.74 3.42 -1.43
CA ILE A 83 -4.51 4.34 -0.33
C ILE A 83 -4.65 3.50 0.93
N ALA A 84 -3.62 3.56 1.78
CA ALA A 84 -3.64 2.81 3.02
C ALA A 84 -3.93 3.72 4.21
N ILE A 85 -4.91 3.30 5.00
CA ILE A 85 -5.31 3.96 6.24
C ILE A 85 -4.75 3.18 7.42
N GLY A 86 -3.95 3.84 8.25
CA GLY A 86 -3.41 3.19 9.42
C GLY A 86 -4.48 3.14 10.49
N VAL A 87 -4.70 1.95 11.05
CA VAL A 87 -5.72 1.76 12.08
C VAL A 87 -5.09 1.14 13.32
N LYS A 88 -5.74 1.33 14.46
CA LYS A 88 -5.27 0.81 15.75
C LYS A 88 -5.57 -0.68 15.93
N SER A 89 -6.79 -1.09 15.60
CA SER A 89 -7.15 -2.51 15.71
C SER A 89 -7.81 -2.99 14.42
N ILE A 90 -7.02 -3.64 13.56
CA ILE A 90 -7.51 -4.02 12.25
C ILE A 90 -8.71 -5.01 12.31
N GLU A 91 -8.72 -5.94 13.28
CA GLU A 91 -9.79 -6.91 13.42
C GLU A 91 -11.13 -6.23 13.66
N GLU A 92 -11.12 -5.22 14.54
CA GLU A 92 -12.35 -4.51 14.91
C GLU A 92 -12.83 -3.62 13.77
N ARG A 93 -11.89 -3.03 13.05
CA ARG A 93 -12.23 -2.16 11.94
C ARG A 93 -12.85 -2.96 10.80
N ILE A 94 -12.30 -4.15 10.53
CA ILE A 94 -12.85 -5.01 9.48
C ILE A 94 -14.28 -5.37 9.86
N GLN A 95 -14.46 -5.81 11.10
CA GLN A 95 -15.77 -6.17 11.58
C GLN A 95 -16.78 -5.02 11.47
N GLU A 96 -16.34 -3.81 11.80
CA GLU A 96 -17.23 -2.64 11.75
C GLU A 96 -17.63 -2.22 10.34
N VAL A 97 -16.67 -2.17 9.41
CA VAL A 97 -17.03 -1.82 8.03
C VAL A 97 -17.91 -2.90 7.38
N LYS A 98 -17.63 -4.17 7.68
CA LYS A 98 -18.48 -5.25 7.18
C LYS A 98 -19.90 -5.13 7.71
N GLU A 99 -20.04 -4.86 9.00
CA GLU A 99 -21.36 -4.62 9.60
C GLU A 99 -22.09 -3.45 8.92
N ASN A 100 -21.32 -2.50 8.41
CA ASN A 100 -21.91 -1.36 7.70
C ASN A 100 -22.10 -1.58 6.18
N GLY A 101 -21.76 -2.79 5.71
CA GLY A 101 -22.03 -3.20 4.33
C GLY A 101 -20.85 -3.18 3.36
N VAL A 102 -19.65 -2.91 3.87
CA VAL A 102 -18.48 -2.83 2.99
C VAL A 102 -18.09 -4.25 2.64
N GLN A 103 -17.83 -4.49 1.35
CA GLN A 103 -17.27 -5.75 0.90
C GLN A 103 -15.75 -5.68 0.99
N MET A 104 -15.13 -6.74 1.54
CA MET A 104 -13.71 -6.83 1.68
C MET A 104 -13.13 -7.73 0.60
N ILE A 105 -11.92 -7.39 0.14
CA ILE A 105 -11.09 -8.36 -0.60
C ILE A 105 -10.52 -9.34 0.44
N ASN A 106 -9.98 -8.81 1.53
CA ASN A 106 -9.43 -9.63 2.61
C ASN A 106 -10.31 -9.58 3.83
N ASP A 107 -11.04 -10.65 4.10
CA ASP A 107 -11.86 -10.71 5.31
C ASP A 107 -11.03 -10.91 6.56
N GLU A 108 -9.83 -11.48 6.40
CA GLU A 108 -8.88 -11.62 7.49
C GLU A 108 -7.62 -10.88 7.09
N PRO A 109 -6.95 -10.22 8.04
CA PRO A 109 -5.66 -9.56 7.71
C PRO A 109 -4.62 -10.53 7.12
N VAL A 110 -3.77 -10.01 6.25
CA VAL A 110 -2.69 -10.77 5.63
C VAL A 110 -1.38 -9.97 5.77
N PRO A 111 -0.22 -10.62 5.58
CA PRO A 111 1.07 -9.88 5.67
C PRO A 111 1.25 -8.85 4.57
N GLY A 112 1.58 -7.63 4.95
CA GLY A 112 1.86 -6.58 3.97
C GLY A 112 3.28 -6.09 4.11
N ALA A 113 3.54 -4.91 3.55
CA ALA A 113 4.86 -4.27 3.62
C ALA A 113 5.22 -3.89 5.03
N ARG A 114 6.52 -3.95 5.34
CA ARG A 114 7.08 -3.49 6.62
C ARG A 114 6.55 -4.28 7.80
N GLY A 115 6.21 -5.54 7.56
CA GLY A 115 5.69 -6.41 8.59
C GLY A 115 4.31 -6.04 9.08
N ALA A 116 3.61 -5.14 8.38
CA ALA A 116 2.26 -4.71 8.78
C ALA A 116 1.23 -5.82 8.51
N GLN A 117 0.15 -5.82 9.28
CA GLN A 117 -1.01 -6.63 8.97
C GLN A 117 -1.95 -5.74 8.16
N VAL A 118 -2.42 -6.24 7.03
CA VAL A 118 -3.18 -5.43 6.06
C VAL A 118 -4.44 -6.17 5.56
N ALA A 119 -5.44 -5.40 5.13
CA ALA A 119 -6.66 -5.93 4.53
C ALA A 119 -7.23 -4.91 3.55
N PHE A 120 -7.54 -5.37 2.35
CA PHE A 120 -8.02 -4.50 1.30
C PHE A 120 -9.55 -4.55 1.25
N LEU A 121 -10.14 -3.36 1.15
CA LEU A 121 -11.57 -3.21 0.95
C LEU A 121 -11.82 -3.34 -0.55
N HIS A 122 -13.00 -3.79 -0.91
CA HIS A 122 -13.35 -3.97 -2.30
C HIS A 122 -13.64 -2.62 -2.95
N PRO A 123 -12.99 -2.32 -4.10
CA PRO A 123 -13.24 -1.05 -4.79
C PRO A 123 -14.71 -0.86 -5.18
N ARG A 124 -15.47 -1.95 -5.35
CA ARG A 124 -16.91 -1.79 -5.66
C ARG A 124 -17.70 -1.19 -4.51
N SER A 125 -17.14 -1.17 -3.30
CA SER A 125 -17.78 -0.53 -2.16
C SER A 125 -17.40 0.96 -2.05
N ALA A 126 -16.43 1.38 -2.85
CA ALA A 126 -15.79 2.68 -2.65
C ALA A 126 -15.63 3.40 -3.98
N ARG A 127 -16.56 3.14 -4.92
CA ARG A 127 -16.57 3.86 -6.21
C ARG A 127 -15.21 3.84 -6.93
N GLY A 128 -14.63 2.65 -7.00
CA GLY A 128 -13.44 2.44 -7.82
C GLY A 128 -12.12 2.75 -7.12
N VAL A 129 -12.14 3.12 -5.84
CA VAL A 129 -10.88 3.34 -5.11
C VAL A 129 -10.54 2.08 -4.32
N LEU A 130 -9.27 1.68 -4.37
CA LEU A 130 -8.76 0.60 -3.53
C LEU A 130 -8.19 1.13 -2.21
N TYR A 131 -8.94 0.90 -1.11
CA TYR A 131 -8.46 1.23 0.23
C TYR A 131 -7.88 0.00 0.94
N GLU A 132 -6.84 0.25 1.73
CA GLU A 132 -6.18 -0.76 2.56
C GLU A 132 -6.23 -0.29 4.01
N PHE A 133 -6.62 -1.17 4.93
CA PHE A 133 -6.43 -0.92 6.35
C PHE A 133 -5.05 -1.49 6.68
N CYS A 134 -4.32 -0.81 7.54
CA CYS A 134 -2.92 -1.08 7.79
C CYS A 134 -2.76 -0.96 9.29
N GLU A 135 -2.37 -2.06 9.93
CA GLU A 135 -2.05 -2.04 11.36
C GLU A 135 -0.56 -2.36 11.55
N LYS A 136 0.15 -1.39 12.10
CA LYS A 136 1.58 -1.52 12.35
C LYS A 136 1.82 -1.51 13.85
N LYS A 137 2.79 -2.30 14.31
CA LYS A 137 3.22 -2.25 15.71
C LYS A 137 3.96 -0.93 15.90
N GLU A 138 3.69 -0.26 17.02
CA GLU A 138 4.22 1.08 17.29
C GLU A 138 5.70 1.00 17.64
N GLN A 139 6.56 1.59 16.80
CA GLN A 139 8.02 1.55 17.03
C GLN A 139 8.74 2.89 16.80
N ALA A 140 9.30 3.44 17.88
CA ALA A 140 10.16 4.62 17.86
C ALA A 140 11.08 4.61 19.09
N GLU A 141 12.16 5.41 19.07
CA GLU A 141 13.07 5.59 20.22
C GLU A 141 14.44 4.87 20.13
N ASN A 142 15.42 5.38 20.88
CA ASN A 142 16.77 4.78 21.09
C ASN A 142 17.91 5.71 20.67
ZN ZN B . 0.08 -0.68 0.78
S SO4 C . 7.31 3.14 9.98
O1 SO4 C . 8.73 3.15 9.62
O2 SO4 C . 6.74 4.45 9.70
O3 SO4 C . 6.54 2.20 9.18
O4 SO4 C . 7.19 2.85 11.39
C1 GOL D . 1.48 -3.19 -0.92
O1 GOL D . 0.74 -3.00 0.26
C2 GOL D . 1.14 -4.53 -1.58
O2 GOL D . 0.86 -5.46 -0.56
C3 GOL D . -0.10 -4.38 -2.47
O3 GOL D . -0.10 -5.41 -3.42
#